data_6CZI
#
_entry.id   6CZI
#
_cell.length_a   40.142
_cell.length_b   47.930
_cell.length_c   52.843
_cell.angle_alpha   90.000
_cell.angle_beta   91.490
_cell.angle_gamma   90.000
#
_symmetry.space_group_name_H-M   'P 1 21 1'
#
loop_
_entity.id
_entity.type
_entity.pdbx_description
1 polymer mFAP1
2 non-polymer (5Z)-5-(3,5-difluoro-4-hydroxybenzylidene)-2,3-dimethyl-3,5-dihydro-4H-imidazol-4-one
3 water water
#
_entity_poly.entity_id   1
_entity_poly.type   'polypeptide(L)'
_entity_poly.pdbx_seq_one_letter_code
;MSRAAQLLPGTWQVTMTNEDGQTSQGQWHFQPRSPYTLDIVAQGTISDGRPITGYGKATVKTDDTLHANLTYPSLGNIKA
QGQITYDSPTQFTWNSTTSDGKKLTGTLQRQE
;
_entity_poly.pdbx_strand_id   A,B
#
loop_
_chem_comp.id
_chem_comp.type
_chem_comp.name
_chem_comp.formula
38E non-polymer (5Z)-5-(3,5-difluoro-4-hydroxybenzylidene)-2,3-dimethyl-3,5-dihydro-4H-imidazol-4-one 'C12 H10 F2 N2 O2'
#
# COMPACT_ATOMS: atom_id res chain seq x y z
N SER A 2 -0.78 23.36 5.07
CA SER A 2 -0.34 23.06 3.70
C SER A 2 -1.45 22.51 2.80
N ARG A 3 -1.77 23.25 1.75
CA ARG A 3 -2.82 22.83 0.83
C ARG A 3 -2.42 21.53 0.14
N ALA A 4 -1.15 21.41 -0.25
CA ALA A 4 -0.68 20.18 -0.88
C ALA A 4 -0.96 18.99 0.02
N ALA A 5 -0.46 19.05 1.27
CA ALA A 5 -0.69 17.97 2.22
C ALA A 5 -2.18 17.70 2.42
N GLN A 6 -3.00 18.76 2.36
CA GLN A 6 -4.45 18.67 2.58
C GLN A 6 -5.17 17.90 1.47
N LEU A 7 -4.67 17.96 0.25
CA LEU A 7 -5.28 17.30 -0.90
C LEU A 7 -4.86 15.84 -1.05
N LEU A 8 -3.66 15.47 -0.54
CA LEU A 8 -3.02 14.19 -0.81
C LEU A 8 -3.71 12.94 -0.26
N PRO A 9 -4.43 12.99 0.87
CA PRO A 9 -5.03 11.77 1.43
C PRO A 9 -5.75 10.93 0.37
N GLY A 10 -5.54 9.61 0.43
CA GLY A 10 -6.26 8.70 -0.44
C GLY A 10 -5.45 8.18 -1.62
N THR A 11 -6.13 7.80 -2.70
CA THR A 11 -5.51 7.09 -3.82
C THR A 11 -5.23 8.00 -5.02
N TRP A 12 -4.05 7.82 -5.60
CA TRP A 12 -3.60 8.53 -6.79
C TRP A 12 -3.08 7.49 -7.77
N GLN A 13 -3.34 7.70 -9.05
CA GLN A 13 -2.75 6.86 -10.08
C GLN A 13 -1.37 7.42 -10.42
N VAL A 14 -0.36 6.56 -10.36
CA VAL A 14 1.02 6.96 -10.49
C VAL A 14 1.54 6.37 -11.80
N THR A 15 2.19 7.22 -12.59
CA THR A 15 2.95 6.84 -13.77
C THR A 15 4.34 7.42 -13.64
N MET A 16 5.34 6.62 -13.98
CA MET A 16 6.72 7.07 -13.89
C MET A 16 7.48 6.63 -15.13
N THR A 17 8.58 7.34 -15.40
CA THR A 17 9.64 6.90 -16.29
C THR A 17 10.95 7.01 -15.56
N ASN A 18 11.87 6.11 -15.87
CA ASN A 18 13.19 6.10 -15.25
C ASN A 18 14.28 6.31 -16.30
N GLU A 19 15.52 6.30 -15.83
CA GLU A 19 16.69 6.57 -16.65
C GLU A 19 16.88 5.49 -17.70
N ASP A 20 16.47 4.27 -17.42
CA ASP A 20 16.66 3.18 -18.36
C ASP A 20 15.54 3.11 -19.40
N GLY A 21 14.83 4.20 -19.63
CA GLY A 21 13.79 4.16 -20.65
C GLY A 21 12.63 3.24 -20.39
N GLN A 22 12.35 2.95 -19.11
CA GLN A 22 11.20 2.16 -18.72
C GLN A 22 10.10 3.06 -18.17
N THR A 23 8.89 2.53 -18.19
CA THR A 23 7.77 3.18 -17.55
C THR A 23 7.15 2.24 -16.53
N SER A 24 6.42 2.84 -15.61
CA SER A 24 5.71 2.09 -14.58
C SER A 24 4.33 2.71 -14.44
N GLN A 25 3.39 1.88 -14.06
CA GLN A 25 2.00 2.27 -13.85
C GLN A 25 1.56 1.68 -12.52
N GLY A 26 0.78 2.42 -11.74
CA GLY A 26 0.38 1.90 -10.43
C GLY A 26 -0.33 2.94 -9.59
N GLN A 27 -0.24 2.77 -8.28
CA GLN A 27 -0.93 3.65 -7.34
C GLN A 27 -0.03 3.97 -6.16
N TRP A 28 -0.33 5.11 -5.56
CA TRP A 28 0.20 5.53 -4.27
C TRP A 28 -1.02 5.80 -3.40
N HIS A 29 -1.00 5.28 -2.21
CA HIS A 29 -2.09 5.50 -1.26
C HIS A 29 -1.52 6.25 -0.06
N PHE A 30 -2.14 7.39 0.26
CA PHE A 30 -1.67 8.29 1.32
C PHE A 30 -2.56 8.19 2.55
N GLN A 31 -1.92 8.19 3.72
CA GLN A 31 -2.59 8.21 5.01
C GLN A 31 -2.02 9.34 5.86
N PRO A 32 -2.78 10.38 6.17
CA PRO A 32 -2.21 11.45 7.00
C PRO A 32 -1.82 10.89 8.36
N ARG A 33 -0.69 11.38 8.88
CA ARG A 33 -0.23 11.00 10.21
C ARG A 33 -0.14 12.14 11.18
N SER A 34 -0.05 13.37 10.68
CA SER A 34 0.06 14.56 11.51
C SER A 34 -0.12 15.74 10.56
N PRO A 35 -0.05 16.98 11.06
CA PRO A 35 -0.25 18.13 10.18
C PRO A 35 0.84 18.28 9.13
N TYR A 36 1.95 17.56 9.28
CA TYR A 36 3.09 17.73 8.39
C TYR A 36 3.47 16.45 7.66
N THR A 37 2.75 15.36 7.89
CA THR A 37 3.25 14.06 7.51
C THR A 37 2.14 13.15 7.00
N LEU A 38 2.46 12.33 5.99
CA LEU A 38 1.55 11.31 5.49
C LEU A 38 2.36 10.07 5.16
N ASP A 39 1.80 8.89 5.44
CA ASP A 39 2.41 7.63 5.04
C ASP A 39 1.92 7.23 3.66
N ILE A 40 2.76 6.52 2.91
CA ILE A 40 2.50 6.08 1.55
C ILE A 40 2.66 4.57 1.47
N VAL A 41 1.76 3.92 0.74
CA VAL A 41 1.96 2.56 0.23
C VAL A 41 1.88 2.58 -1.29
N ALA A 42 2.82 1.86 -1.92
CA ALA A 42 3.06 1.93 -3.35
C ALA A 42 2.86 0.56 -3.99
N GLN A 43 2.16 0.53 -5.11
CA GLN A 43 1.89 -0.72 -5.79
C GLN A 43 1.83 -0.45 -7.28
N GLY A 44 2.42 -1.34 -8.09
CA GLY A 44 2.39 -1.16 -9.54
C GLY A 44 3.27 -2.17 -10.26
N THR A 45 3.60 -1.85 -11.51
CA THR A 45 4.40 -2.72 -12.36
C THR A 45 5.31 -1.89 -13.23
N ILE A 46 6.50 -2.32 -13.39
CA ILE A 46 7.41 -1.67 -14.31
C ILE A 46 7.30 -2.36 -15.66
N SER A 47 7.55 -1.60 -16.74
CA SER A 47 7.36 -2.07 -18.11
C SER A 47 8.19 -3.31 -18.48
N ASP A 48 9.22 -3.64 -17.72
CA ASP A 48 9.95 -4.88 -17.90
C ASP A 48 9.32 -6.05 -17.13
N GLY A 49 8.17 -5.84 -16.48
CA GLY A 49 7.49 -6.90 -15.74
C GLY A 49 7.77 -6.94 -14.25
N ARG A 50 8.73 -6.16 -13.75
CA ARG A 50 9.00 -6.19 -12.32
C ARG A 50 7.79 -5.64 -11.57
N PRO A 51 7.28 -6.36 -10.57
CA PRO A 51 6.22 -5.81 -9.73
C PRO A 51 6.78 -4.81 -8.72
N ILE A 52 5.97 -3.79 -8.43
CA ILE A 52 6.33 -2.75 -7.47
C ILE A 52 5.51 -2.93 -6.20
N THR A 53 6.20 -3.07 -5.07
CA THR A 53 5.62 -3.01 -3.74
C THR A 53 6.49 -2.07 -2.92
N GLY A 54 5.93 -0.96 -2.45
CA GLY A 54 6.73 -0.02 -1.70
C GLY A 54 5.94 0.69 -0.61
N TYR A 55 6.67 1.48 0.17
CA TYR A 55 6.04 2.26 1.23
C TYR A 55 7.04 3.34 1.62
N GLY A 56 6.54 4.36 2.31
CA GLY A 56 7.38 5.49 2.66
C GLY A 56 6.55 6.61 3.27
N LYS A 57 7.18 7.78 3.41
CA LYS A 57 6.58 8.87 4.14
C LYS A 57 6.84 10.18 3.40
N ALA A 58 5.85 11.04 3.39
CA ALA A 58 5.94 12.36 2.77
C ALA A 58 5.87 13.41 3.87
N THR A 59 6.82 14.34 3.83
CA THR A 59 6.89 15.36 4.86
C THR A 59 6.69 16.72 4.22
N VAL A 60 5.83 17.53 4.83
CA VAL A 60 5.53 18.85 4.32
C VAL A 60 6.79 19.72 4.36
N LYS A 61 7.07 20.39 3.25
CA LYS A 61 8.10 21.42 3.17
C LYS A 61 7.50 22.80 3.07
N THR A 62 6.57 22.99 2.13
CA THR A 62 5.90 24.27 1.98
C THR A 62 4.44 23.99 1.64
N ASP A 63 3.75 25.07 1.25
CA ASP A 63 2.35 24.99 0.93
C ASP A 63 2.09 24.03 -0.23
N ASP A 64 3.01 23.95 -1.18
CA ASP A 64 2.78 23.15 -2.37
C ASP A 64 3.79 22.02 -2.58
N THR A 65 4.70 21.79 -1.64
CA THR A 65 5.78 20.83 -1.83
C THR A 65 5.94 19.94 -0.60
N LEU A 66 6.17 18.66 -0.83
CA LEU A 66 6.54 17.72 0.22
C LEU A 66 7.77 16.96 -0.24
N HIS A 67 8.56 16.54 0.73
CA HIS A 67 9.66 15.62 0.47
C HIS A 67 9.20 14.23 0.86
N ALA A 68 9.52 13.25 0.02
CA ALA A 68 9.09 11.89 0.28
C ALA A 68 10.27 10.93 0.18
N ASN A 69 10.35 10.02 1.12
CA ASN A 69 11.28 8.90 1.11
C ASN A 69 10.44 7.63 0.95
N LEU A 70 10.83 6.77 0.01
CA LEU A 70 10.18 5.49 -0.20
C LEU A 70 11.22 4.38 -0.16
N THR A 71 10.78 3.18 0.21
CA THR A 71 11.60 1.99 0.07
C THR A 71 10.79 0.88 -0.60
N TYR A 72 11.47 0.05 -1.40
CA TYR A 72 10.81 -0.90 -2.30
C TYR A 72 11.34 -2.31 -2.07
N PRO A 73 10.70 -3.05 -1.17
CA PRO A 73 11.11 -4.45 -0.95
C PRO A 73 11.05 -5.31 -2.20
N SER A 74 10.12 -5.07 -3.11
CA SER A 74 10.08 -5.85 -4.35
C SER A 74 11.18 -5.50 -5.36
N LEU A 75 11.96 -4.44 -5.14
CA LEU A 75 13.00 -4.00 -6.07
C LEU A 75 14.39 -4.04 -5.43
N GLY A 76 14.64 -5.11 -4.67
CA GLY A 76 15.90 -5.25 -3.98
C GLY A 76 16.11 -4.25 -2.87
N ASN A 77 15.01 -3.72 -2.33
CA ASN A 77 15.04 -2.73 -1.26
C ASN A 77 15.75 -1.42 -1.66
N ILE A 78 15.78 -1.09 -2.96
CA ILE A 78 16.24 0.26 -3.30
C ILE A 78 15.23 1.28 -2.78
N LYS A 79 15.72 2.50 -2.59
CA LYS A 79 14.96 3.60 -2.02
C LYS A 79 14.84 4.71 -3.04
N ALA A 80 13.95 5.66 -2.76
CA ALA A 80 13.83 6.85 -3.59
C ALA A 80 13.51 8.05 -2.72
N GLN A 81 14.11 9.18 -3.05
CA GLN A 81 13.92 10.41 -2.32
C GLN A 81 13.63 11.48 -3.34
N GLY A 82 12.55 12.23 -3.14
CA GLY A 82 12.22 13.26 -4.10
C GLY A 82 11.15 14.20 -3.55
N GLN A 83 10.65 15.05 -4.45
CA GLN A 83 9.69 16.07 -4.09
C GLN A 83 8.36 15.82 -4.77
N ILE A 84 7.30 15.99 -3.98
CA ILE A 84 5.92 15.95 -4.46
C ILE A 84 5.45 17.38 -4.55
N THR A 85 5.15 17.84 -5.75
CA THR A 85 4.78 19.24 -5.94
C THR A 85 3.38 19.31 -6.49
N TYR A 86 2.60 20.22 -5.91
CA TYR A 86 1.23 20.46 -6.33
C TYR A 86 1.20 21.05 -7.73
N ASP A 87 0.29 20.54 -8.56
CA ASP A 87 -0.02 21.10 -9.88
C ASP A 87 -1.45 21.58 -10.00
N SER A 88 -2.39 20.81 -9.48
CA SER A 88 -3.81 21.15 -9.50
C SER A 88 -4.48 20.33 -8.41
N PRO A 89 -5.75 20.59 -8.12
CA PRO A 89 -6.44 19.76 -7.15
C PRO A 89 -6.40 18.28 -7.51
N THR A 90 -6.12 17.92 -8.77
CA THR A 90 -6.10 16.52 -9.14
C THR A 90 -4.77 16.05 -9.70
N GLN A 91 -3.70 16.85 -9.62
CA GLN A 91 -2.46 16.40 -10.19
C GLN A 91 -1.25 16.88 -9.38
N PHE A 92 -0.34 15.96 -9.07
CA PHE A 92 0.95 16.29 -8.48
C PHE A 92 2.05 15.75 -9.38
N THR A 93 3.22 16.33 -9.23
CA THR A 93 4.39 15.91 -9.98
C THR A 93 5.43 15.29 -9.03
N TRP A 94 6.13 14.27 -9.49
CA TRP A 94 7.12 13.55 -8.69
C TRP A 94 8.48 13.65 -9.38
N ASN A 95 9.47 14.14 -8.64
CA ASN A 95 10.85 14.26 -9.12
C ASN A 95 11.77 13.75 -8.03
N SER A 96 12.49 12.68 -8.31
CA SER A 96 13.23 12.01 -7.26
C SER A 96 14.48 11.37 -7.81
N THR A 97 15.30 10.86 -6.90
CA THR A 97 16.48 10.08 -7.24
C THR A 97 16.44 8.79 -6.43
N THR A 98 16.71 7.67 -7.09
CA THR A 98 16.78 6.40 -6.38
C THR A 98 18.12 6.29 -5.65
N SER A 99 18.19 5.30 -4.76
CA SER A 99 19.43 5.01 -4.04
C SER A 99 20.52 4.43 -4.95
N ASP A 100 20.20 4.12 -6.20
CA ASP A 100 21.18 3.78 -7.24
C ASP A 100 21.70 5.00 -7.99
N GLY A 101 21.39 6.20 -7.52
CA GLY A 101 21.76 7.42 -8.22
C GLY A 101 20.99 7.71 -9.49
N LYS A 102 19.90 6.99 -9.76
CA LYS A 102 19.13 7.17 -10.98
C LYS A 102 17.95 8.11 -10.79
N LYS A 103 17.73 8.95 -11.80
CA LYS A 103 16.64 9.91 -11.80
C LYS A 103 15.34 9.21 -12.16
N LEU A 104 14.30 9.50 -11.39
CA LEU A 104 13.00 8.85 -11.53
C LEU A 104 11.94 9.92 -11.31
N THR A 105 11.12 10.17 -12.33
CA THR A 105 10.10 11.20 -12.29
C THR A 105 8.76 10.60 -12.70
N GLY A 106 7.69 11.33 -12.39
CA GLY A 106 6.37 10.85 -12.69
C GLY A 106 5.29 11.82 -12.21
N THR A 107 4.06 11.34 -12.26
CA THR A 107 2.92 12.15 -11.95
C THR A 107 1.98 11.37 -11.05
N LEU A 108 1.24 12.09 -10.22
CA LEU A 108 0.12 11.58 -9.43
C LEU A 108 -1.16 12.20 -9.99
N GLN A 109 -2.15 11.37 -10.28
CA GLN A 109 -3.36 11.84 -10.93
C GLN A 109 -4.59 11.24 -10.25
N ARG A 110 -5.68 12.00 -10.27
CA ARG A 110 -6.95 11.50 -9.80
C ARG A 110 -8.03 11.50 -10.88
N SER B 2 -11.59 -18.32 -10.42
CA SER B 2 -11.87 -18.18 -8.98
C SER B 2 -12.65 -16.88 -8.70
N ARG B 3 -13.86 -17.03 -8.17
CA ARG B 3 -14.71 -15.85 -7.93
C ARG B 3 -14.04 -14.90 -6.94
N ALA B 4 -13.46 -15.44 -5.87
CA ALA B 4 -12.77 -14.61 -4.89
C ALA B 4 -11.65 -13.81 -5.53
N ALA B 5 -10.72 -14.49 -6.22
CA ALA B 5 -9.62 -13.76 -6.85
C ALA B 5 -10.12 -12.68 -7.81
N GLN B 6 -11.16 -12.99 -8.59
CA GLN B 6 -11.60 -12.01 -9.60
C GLN B 6 -12.25 -10.78 -8.96
N LEU B 7 -12.81 -10.90 -7.76
CA LEU B 7 -13.44 -9.74 -7.13
C LEU B 7 -12.47 -8.83 -6.35
N LEU B 8 -11.35 -9.36 -5.86
CA LEU B 8 -10.49 -8.64 -4.93
C LEU B 8 -9.74 -7.43 -5.49
N PRO B 9 -9.39 -7.38 -6.78
CA PRO B 9 -8.56 -6.25 -7.27
C PRO B 9 -9.06 -4.90 -6.78
N GLY B 10 -8.12 -4.07 -6.33
CA GLY B 10 -8.48 -2.73 -5.88
C GLY B 10 -8.49 -2.59 -4.37
N THR B 11 -9.26 -1.62 -3.91
CA THR B 11 -9.21 -1.16 -2.53
C THR B 11 -10.36 -1.70 -1.70
N TRP B 12 -10.05 -2.09 -0.46
CA TRP B 12 -11.04 -2.58 0.51
C TRP B 12 -10.83 -1.86 1.83
N GLN B 13 -11.94 -1.55 2.53
CA GLN B 13 -11.85 -1.03 3.88
C GLN B 13 -11.70 -2.19 4.84
N VAL B 14 -10.69 -2.12 5.71
CA VAL B 14 -10.36 -3.22 6.60
C VAL B 14 -10.56 -2.81 8.05
N THR B 15 -11.27 -3.65 8.80
CA THR B 15 -11.35 -3.51 10.25
C THR B 15 -10.92 -4.82 10.88
N MET B 16 -10.13 -4.72 11.95
CA MET B 16 -9.64 -5.89 12.63
C MET B 16 -9.75 -5.69 14.12
N THR B 17 -9.84 -6.80 14.84
CA THR B 17 -9.57 -6.84 16.27
C THR B 17 -8.56 -7.95 16.51
N ASN B 18 -7.71 -7.73 17.49
CA ASN B 18 -6.68 -8.67 17.88
C ASN B 18 -6.98 -9.24 19.28
N GLU B 19 -6.04 -10.06 19.75
CA GLU B 19 -6.16 -10.72 21.05
C GLU B 19 -6.04 -9.74 22.22
N ASP B 20 -5.30 -8.66 22.04
CA ASP B 20 -5.03 -7.73 23.12
C ASP B 20 -6.14 -6.70 23.27
N GLY B 21 -7.35 -7.00 22.82
CA GLY B 21 -8.44 -6.05 22.96
C GLY B 21 -8.28 -4.75 22.20
N GLN B 22 -7.42 -4.71 21.18
CA GLN B 22 -7.28 -3.53 20.36
C GLN B 22 -8.05 -3.69 19.05
N THR B 23 -8.35 -2.57 18.42
CA THR B 23 -8.96 -2.59 17.09
C THR B 23 -8.10 -1.80 16.10
N SER B 24 -8.31 -2.07 14.83
CA SER B 24 -7.58 -1.36 13.80
C SER B 24 -8.56 -0.99 12.68
N GLN B 25 -8.27 0.11 12.02
CA GLN B 25 -9.05 0.57 10.86
C GLN B 25 -8.07 0.97 9.76
N GLY B 26 -8.40 0.64 8.51
CA GLY B 26 -7.50 1.00 7.41
C GLY B 26 -7.94 0.39 6.11
N GLN B 27 -6.97 0.17 5.23
CA GLN B 27 -7.26 -0.38 3.90
C GLN B 27 -6.23 -1.44 3.52
N TRP B 28 -6.66 -2.28 2.57
CA TRP B 28 -5.86 -3.26 1.86
C TRP B 28 -6.08 -2.97 0.39
N HIS B 29 -5.02 -2.86 -0.37
CA HIS B 29 -5.08 -2.62 -1.81
C HIS B 29 -4.49 -3.83 -2.52
N PHE B 30 -5.26 -4.42 -3.44
CA PHE B 30 -4.88 -5.64 -4.14
C PHE B 30 -4.52 -5.36 -5.57
N GLN B 31 -3.47 -6.01 -6.06
CA GLN B 31 -3.12 -5.97 -7.48
C GLN B 31 -2.97 -7.40 -7.99
N PRO B 32 -3.87 -7.87 -8.86
CA PRO B 32 -3.74 -9.24 -9.36
C PRO B 32 -2.42 -9.40 -10.07
N ARG B 33 -1.82 -10.58 -9.92
CA ARG B 33 -0.60 -10.94 -10.60
C ARG B 33 -0.75 -12.11 -11.53
N SER B 34 -1.77 -12.93 -11.33
CA SER B 34 -2.06 -14.07 -12.17
C SER B 34 -3.43 -14.56 -11.74
N PRO B 35 -3.98 -15.58 -12.39
CA PRO B 35 -5.31 -16.06 -11.98
C PRO B 35 -5.33 -16.65 -10.59
N TYR B 36 -4.18 -16.85 -9.93
CA TYR B 36 -4.18 -17.44 -8.61
C TYR B 36 -3.52 -16.58 -7.55
N THR B 37 -2.94 -15.45 -7.91
CA THR B 37 -2.15 -14.72 -6.92
C THR B 37 -2.33 -13.22 -7.10
N LEU B 38 -2.33 -12.50 -5.99
CA LEU B 38 -2.44 -11.06 -6.01
C LEU B 38 -1.51 -10.47 -4.95
N ASP B 39 -0.94 -9.31 -5.24
CA ASP B 39 -0.14 -8.59 -4.27
C ASP B 39 -1.02 -7.69 -3.42
N ILE B 40 -0.62 -7.49 -2.16
CA ILE B 40 -1.37 -6.67 -1.21
C ILE B 40 -0.45 -5.60 -0.66
N VAL B 41 -0.97 -4.38 -0.55
CA VAL B 41 -0.36 -3.36 0.31
C VAL B 41 -1.39 -2.95 1.37
N ALA B 42 -0.92 -2.77 2.61
CA ALA B 42 -1.78 -2.60 3.78
C ALA B 42 -1.46 -1.30 4.51
N GLN B 43 -2.50 -0.56 4.87
CA GLN B 43 -2.31 0.74 5.50
C GLN B 43 -3.41 0.96 6.53
N GLY B 44 -3.06 1.52 7.68
CA GLY B 44 -4.06 1.75 8.71
C GLY B 44 -3.45 2.19 10.03
N THR B 45 -4.25 2.05 11.11
CA THR B 45 -3.85 2.46 12.46
C THR B 45 -4.47 1.52 13.49
N ILE B 46 -3.70 1.21 14.51
CA ILE B 46 -4.22 0.45 15.63
C ILE B 46 -4.66 1.44 16.72
N SER B 47 -5.68 1.02 17.48
CA SER B 47 -6.34 1.86 18.49
C SER B 47 -5.40 2.39 19.58
N ASP B 48 -4.20 1.82 19.73
CA ASP B 48 -3.21 2.44 20.60
C ASP B 48 -2.38 3.49 19.87
N GLY B 49 -2.68 3.77 18.59
CA GLY B 49 -1.95 4.77 17.85
C GLY B 49 -0.84 4.24 16.95
N ARG B 50 -0.47 2.97 17.06
CA ARG B 50 0.60 2.45 16.21
C ARG B 50 0.17 2.47 14.74
N PRO B 51 0.97 3.04 13.84
CA PRO B 51 0.63 3.00 12.42
C PRO B 51 0.84 1.62 11.82
N ILE B 52 0.01 1.30 10.84
CA ILE B 52 0.09 0.05 10.10
C ILE B 52 0.59 0.36 8.69
N THR B 53 1.74 -0.22 8.34
CA THR B 53 2.27 -0.26 6.98
C THR B 53 2.66 -1.71 6.74
N GLY B 54 1.99 -2.37 5.79
CA GLY B 54 2.27 -3.77 5.50
C GLY B 54 2.15 -4.06 4.02
N TYR B 55 2.51 -5.30 3.65
CA TYR B 55 2.40 -5.77 2.28
C TYR B 55 2.52 -7.29 2.31
N GLY B 56 2.12 -7.93 1.21
CA GLY B 56 2.13 -9.38 1.17
C GLY B 56 1.38 -9.91 -0.04
N LYS B 57 1.12 -11.21 -0.01
CA LYS B 57 0.55 -11.90 -1.18
C LYS B 57 -0.59 -12.82 -0.74
N ALA B 58 -1.60 -12.91 -1.60
CA ALA B 58 -2.76 -13.77 -1.39
C ALA B 58 -2.82 -14.79 -2.51
N THR B 59 -2.96 -16.07 -2.15
CA THR B 59 -2.97 -17.15 -3.12
C THR B 59 -4.27 -17.95 -3.05
N VAL B 60 -4.81 -18.26 -4.23
CA VAL B 60 -6.05 -19.02 -4.31
C VAL B 60 -5.88 -20.43 -3.75
N LYS B 61 -6.79 -20.82 -2.87
CA LYS B 61 -6.91 -22.19 -2.39
C LYS B 61 -8.11 -22.88 -2.99
N THR B 62 -9.26 -22.22 -2.97
CA THR B 62 -10.47 -22.75 -3.58
C THR B 62 -11.18 -21.58 -4.26
N ASP B 63 -12.38 -21.83 -4.76
CA ASP B 63 -13.11 -20.80 -5.51
C ASP B 63 -13.42 -19.57 -4.64
N ASP B 64 -13.58 -19.75 -3.32
CA ASP B 64 -13.97 -18.71 -2.39
C ASP B 64 -12.93 -18.38 -1.33
N THR B 65 -11.77 -19.03 -1.37
CA THR B 65 -10.79 -18.86 -0.31
C THR B 65 -9.39 -18.67 -0.89
N LEU B 66 -8.64 -17.75 -0.28
CA LEU B 66 -7.25 -17.52 -0.59
C LEU B 66 -6.46 -17.54 0.71
N HIS B 67 -5.20 -17.92 0.63
CA HIS B 67 -4.26 -17.78 1.74
C HIS B 67 -3.44 -16.52 1.54
N ALA B 68 -3.19 -15.79 2.63
CA ALA B 68 -2.51 -14.51 2.55
C ALA B 68 -1.40 -14.44 3.59
N ASN B 69 -0.23 -13.98 3.15
CA ASN B 69 0.91 -13.68 3.99
C ASN B 69 1.16 -12.18 3.96
N LEU B 70 1.28 -11.56 5.13
CA LEU B 70 1.61 -10.15 5.23
C LEU B 70 2.80 -9.99 6.16
N THR B 71 3.62 -8.97 5.91
CA THR B 71 4.64 -8.58 6.87
C THR B 71 4.52 -7.08 7.10
N TYR B 72 4.85 -6.66 8.33
CA TYR B 72 4.56 -5.30 8.76
C TYR B 72 5.81 -4.58 9.25
N PRO B 73 6.50 -3.85 8.37
CA PRO B 73 7.65 -3.05 8.83
C PRO B 73 7.32 -2.05 9.93
N SER B 74 6.12 -1.44 9.93
CA SER B 74 5.75 -0.52 11.00
C SER B 74 5.52 -1.23 12.34
N LEU B 75 5.47 -2.54 12.36
CA LEU B 75 5.28 -3.27 13.59
C LEU B 75 6.49 -4.15 13.87
N GLY B 76 7.68 -3.67 13.51
CA GLY B 76 8.88 -4.46 13.71
C GLY B 76 8.95 -5.69 12.84
N ASN B 77 8.34 -5.64 11.66
CA ASN B 77 8.39 -6.76 10.70
C ASN B 77 7.76 -8.04 11.26
N ILE B 78 6.81 -7.93 12.18
CA ILE B 78 6.03 -9.13 12.49
C ILE B 78 5.17 -9.50 11.27
N LYS B 79 4.77 -10.76 11.22
CA LYS B 79 4.02 -11.29 10.08
C LYS B 79 2.64 -11.74 10.54
N ALA B 80 1.76 -11.96 9.57
CA ALA B 80 0.45 -12.57 9.83
C ALA B 80 0.12 -13.48 8.66
N GLN B 81 -0.43 -14.65 8.96
CA GLN B 81 -0.74 -15.65 7.96
C GLN B 81 -2.16 -16.12 8.22
N GLY B 82 -3.00 -16.10 7.18
CA GLY B 82 -4.38 -16.47 7.39
C GLY B 82 -5.14 -16.67 6.10
N GLN B 83 -6.46 -16.76 6.25
CA GLN B 83 -7.35 -17.06 5.15
C GLN B 83 -8.28 -15.88 4.87
N ILE B 84 -8.45 -15.56 3.58
CA ILE B 84 -9.43 -14.57 3.14
C ILE B 84 -10.60 -15.33 2.52
N THR B 85 -11.79 -15.15 3.10
CA THR B 85 -12.96 -15.93 2.74
C THR B 85 -14.05 -15.04 2.16
N TYR B 86 -14.62 -15.49 1.05
CA TYR B 86 -15.68 -14.76 0.38
C TYR B 86 -16.93 -14.78 1.24
N ASP B 87 -17.58 -13.64 1.40
CA ASP B 87 -18.88 -13.60 2.03
C ASP B 87 -19.95 -13.09 1.09
N SER B 88 -19.65 -12.02 0.36
CA SER B 88 -20.59 -11.43 -0.59
C SER B 88 -19.78 -10.61 -1.58
N PRO B 89 -20.41 -10.09 -2.63
CA PRO B 89 -19.71 -9.20 -3.55
C PRO B 89 -19.11 -7.96 -2.86
N THR B 90 -19.50 -7.63 -1.64
CA THR B 90 -18.92 -6.46 -0.99
C THR B 90 -18.23 -6.78 0.33
N GLN B 91 -18.06 -8.06 0.67
CA GLN B 91 -17.49 -8.41 1.96
C GLN B 91 -16.64 -9.66 1.89
N PHE B 92 -15.47 -9.61 2.54
CA PHE B 92 -14.66 -10.79 2.83
C PHE B 92 -14.36 -10.85 4.33
N THR B 93 -13.97 -12.04 4.78
CA THR B 93 -13.59 -12.28 6.17
C THR B 93 -12.11 -12.62 6.26
N TRP B 94 -11.46 -12.18 7.33
CA TRP B 94 -10.03 -12.38 7.55
C TRP B 94 -9.84 -13.13 8.86
N ASN B 95 -9.13 -14.25 8.82
CA ASN B 95 -8.83 -15.06 10.00
C ASN B 95 -7.37 -15.45 9.94
N SER B 96 -6.59 -15.01 10.92
CA SER B 96 -5.16 -15.18 10.80
C SER B 96 -4.53 -15.29 12.17
N THR B 97 -3.23 -15.61 12.15
CA THR B 97 -2.36 -15.66 13.32
C THR B 97 -1.10 -14.88 13.02
N THR B 98 -0.64 -14.08 13.99
CA THR B 98 0.59 -13.32 13.83
C THR B 98 1.81 -14.19 14.10
N SER B 99 2.97 -13.65 13.70
CA SER B 99 4.25 -14.32 13.92
C SER B 99 4.70 -14.30 15.37
N ASP B 100 4.05 -13.51 16.23
CA ASP B 100 4.20 -13.60 17.67
C ASP B 100 3.09 -14.44 18.31
N GLY B 101 2.39 -15.27 17.52
CA GLY B 101 1.38 -16.17 18.04
C GLY B 101 0.04 -15.59 18.42
N LYS B 102 -0.30 -14.38 17.98
CA LYS B 102 -1.57 -13.75 18.36
C LYS B 102 -2.67 -14.01 17.31
N LYS B 103 -3.90 -14.19 17.80
CA LYS B 103 -5.04 -14.34 16.90
C LYS B 103 -5.49 -12.97 16.41
N LEU B 104 -5.76 -12.87 15.12
CA LEU B 104 -6.08 -11.59 14.48
C LEU B 104 -7.16 -11.81 13.43
N THR B 105 -8.35 -11.20 13.61
CA THR B 105 -9.47 -11.39 12.68
C THR B 105 -10.08 -10.06 12.27
N GLY B 106 -10.83 -10.10 11.17
CA GLY B 106 -11.42 -8.87 10.66
C GLY B 106 -12.18 -9.05 9.36
N THR B 107 -12.53 -7.93 8.76
CA THR B 107 -13.35 -7.92 7.57
C THR B 107 -12.80 -6.94 6.54
N LEU B 108 -13.08 -7.25 5.28
CA LEU B 108 -12.84 -6.38 4.13
C LEU B 108 -14.19 -5.94 3.59
N GLN B 109 -14.36 -4.64 3.38
CA GLN B 109 -15.65 -4.10 3.02
C GLN B 109 -15.52 -3.12 1.86
N ARG B 110 -16.55 -3.09 1.03
CA ARG B 110 -16.64 -2.06 0.00
C ARG B 110 -17.95 -1.30 0.14
F1 38E C . 10.35 2.65 -12.85
C2 38E C . 10.44 2.71 -11.52
C1 38E C . 11.69 2.52 -10.94
O1 38E C . 12.77 2.30 -11.71
C3 38E C . 9.33 2.94 -10.73
C4 38E C . 9.45 3.02 -9.35
C5 38E C . 10.70 2.80 -8.77
C 38E C . 11.80 2.57 -9.57
F 38E C . 13.02 2.39 -9.04
C6 38E C . 8.35 3.21 -8.43
C7 38E C . 7.01 3.26 -8.78
C9 38E C . 5.95 3.37 -7.76
O 38E C . 6.09 3.44 -6.55
N1 38E C . 4.80 3.39 -8.44
C10 38E C . 3.48 3.49 -7.85
C8 38E C . 5.09 3.32 -9.78
N 38E C . 6.37 3.24 -10.01
C11 38E C . 3.99 3.34 -10.81
H1 38E C . 12.64 1.73 -12.35
H2 38E C . 8.50 3.06 -11.13
H3 38E C . 10.80 2.84 -7.85
H4 38E C . 8.56 3.32 -7.53
H5 38E C . 3.56 3.55 -6.88
H6 38E C . 3.04 4.29 -8.17
H7 38E C . 2.95 2.71 -8.09
H8 38E C . 3.80 4.26 -11.07
H9 38E C . 4.27 2.84 -11.60
H10 38E C . 3.18 2.95 -10.45
F1 38E D . -4.52 -4.89 15.32
C2 38E D . -3.69 -5.35 14.37
C1 38E D . -2.57 -6.09 14.76
O1 38E D . -2.27 -6.33 16.04
C3 38E D . -3.95 -5.09 13.04
C4 38E D . -3.11 -5.62 12.06
C5 38E D . -1.98 -6.32 12.47
C 38E D . -1.72 -6.57 13.79
F 38E D . -0.65 -7.27 14.15
C6 38E D . -3.18 -5.41 10.62
C7 38E D . -4.03 -4.54 9.99
C9 38E D . -4.02 -4.29 8.53
O 38E D . -3.29 -4.81 7.71
N1 38E D . -5.02 -3.40 8.32
C10 38E D . -5.38 -2.83 7.03
C8 38E D . -5.59 -3.09 9.54
N 38E D . -5.04 -3.75 10.50
C11 38E D . -6.73 -2.12 9.74
H1 38E D . -2.74 -5.89 16.60
H2 38E D . -4.71 -4.60 12.79
H3 38E D . -1.39 -6.66 11.83
H4 38E D . -2.61 -5.91 10.08
H5 38E D . -4.80 -3.20 6.34
H6 38E D . -6.30 -3.06 6.82
H7 38E D . -5.27 -1.87 7.05
H8 38E D . -7.58 -2.58 9.66
H9 38E D . -6.66 -1.71 10.61
H10 38E D . -6.68 -1.42 9.06
#